data_8SJU
#
_entry.id   8SJU
#
_cell.length_a   224.532
_cell.length_b   224.532
_cell.length_c   126.522
_cell.angle_alpha   90.000
_cell.angle_beta   90.000
_cell.angle_gamma   120.000
#
_symmetry.space_group_name_H-M   'H 3'
#
loop_
_entity.id
_entity.type
_entity.pdbx_description
1 polymer "DNA (5'-D(*GP*AP*AP*AP*AP*AP*CP*AP*CP*TP*GP*CP*CP*TP*GP*AP*AP*TP*AP*CP*CP*GP*CP*A)-3')"
2 polymer "DNA (5'-D(P*GP*CP*GP*GP*TP*AP*TP*TP*CP*AP*CP*CP*AP*CP*GP*AP*T)-3')"
3 polymer 'DNA (25-MER)'
4 polymer "DNA (5'-D(P*TP*CP*GP*TP*GP*GP*AP*CP*TP*GP*AP*CP*TP*CP*AP*AP*AP*A)-3')"
#
loop_
_entity_poly.entity_id
_entity_poly.type
_entity_poly.pdbx_seq_one_letter_code
_entity_poly.pdbx_strand_id
1 'polydeoxyribonucleotide'
;(DG)(DA)(DA)(DA)(DA)(DA)(DC)(DA)(DC)(DT)(DG)(DC)(DC)(DT)(DG)(DA)(DA)(DT)(DA)(DC)
(DC)(DG)(DC)(DA)
;
A
2 'polydeoxyribonucleotide' (DG)(DC)(DG)(DG)(DT)(DA)(DT)(DT)(DC)(DA)(DC)(DC)(DA)(DC)(DG)(DA)(DT) B
3 'polydeoxyribonucleotide'
;(DT)(DC)(DT)(DT)(DT)(DT)(DG)(DA)(DG)(DT)(DC)(DA)(DG)(DT)(DG)(DG)(DC)(DA)(DG)(DT)
(DG)(DT)(DT)(DT)(DT)
;
C
4 'polydeoxyribonucleotide' (DT)(DC)(DG)(DT)(DG)(DG)(DA)(DC)(DT)(DG)(DA)(DC)(DT)(DC)(DA)(DA)(DA)(DA) D
#